data_4XXC
#
_entry.id   4XXC
#
_cell.length_a   50.660
_cell.length_b   80.800
_cell.length_c   108.980
_cell.angle_alpha   90.00
_cell.angle_beta   90.00
_cell.angle_gamma   90.00
#
_symmetry.space_group_name_H-M   'P 21 21 21'
#
loop_
_entity.id
_entity.type
_entity.pdbx_description
1 polymer 'HLA class I histocompatibility antigen, B-18 alpha chain'
2 polymer Beta-2-microglobulin
3 polymer ASP-GLU-LEU-GLU-ILE-LYS-ALA-TYR
4 non-polymer 'ACETATE ION'
5 water water
#
loop_
_entity_poly.entity_id
_entity_poly.type
_entity_poly.pdbx_seq_one_letter_code
_entity_poly.pdbx_strand_id
1 'polypeptide(L)'
;GSHSMRYFHTSVSRPGRGEPRFISVGYVDGTQFVRFDSDAASPRTEPRAPWIEQEGPEYWDRNTQISKTNTQTYRESLRN
LRGYYNQSEAGSHTLQRMYGCDVGPDGRLLRGHDQSAYDGKDYIALNEDLSSWTAADTAAQITQRKWEAARVAEQLRAYL
EGTCVEWLRRHLENGKETLQRADPPKTHVTHHPISDHEATLRCWALGFYPAEITLTWQRDGEDQTQDTELVETRPAGDRT
FQKWAAVVVPSGEEQRYTCHVQHEGLPKPLTLRWEPSSQ
;
A
2 'polypeptide(L)'
;MIQRTPKIQVYSRHPAENGKSNFLNCYVSGFHPSDIEVDLLKNGERIEKVEHSDLSFSKDWSFYLLYYTEFTPTEKDEYA
CRVNHVTLSQPKIVKWDRDM
;
C
3 'polypeptide(L)' DELEIKAY B
#
loop_
_chem_comp.id
_chem_comp.type
_chem_comp.name
_chem_comp.formula
ACT non-polymer 'ACETATE ION' 'C2 H3 O2 -1'
#
# COMPACT_ATOMS: atom_id res chain seq x y z
N GLY A 1 -12.50 -4.40 15.78
CA GLY A 1 -11.43 -4.85 16.66
C GLY A 1 -10.33 -3.83 16.86
N SER A 2 -9.15 -4.13 16.33
CA SER A 2 -8.00 -3.24 16.49
CA SER A 2 -7.99 -3.25 16.48
C SER A 2 -7.88 -2.28 15.31
N HIS A 3 -7.27 -1.13 15.55
CA HIS A 3 -7.19 -0.09 14.51
C HIS A 3 -5.86 0.62 14.49
N SER A 4 -5.53 1.20 13.34
CA SER A 4 -4.30 1.98 13.21
C SER A 4 -4.53 3.28 12.43
N MET A 5 -3.77 4.31 12.78
CA MET A 5 -3.61 5.46 11.90
C MET A 5 -2.16 5.49 11.50
N ARG A 6 -1.90 5.55 10.20
CA ARG A 6 -0.53 5.55 9.70
CA ARG A 6 -0.53 5.56 9.72
C ARG A 6 -0.38 6.57 8.60
N TYR A 7 0.74 7.29 8.63
CA TYR A 7 1.10 8.17 7.55
C TYR A 7 2.31 7.61 6.85
N PHE A 8 2.30 7.71 5.53
CA PHE A 8 3.35 7.18 4.68
C PHE A 8 3.95 8.31 3.88
N HIS A 9 5.21 8.60 4.16
CA HIS A 9 5.91 9.73 3.55
C HIS A 9 6.95 9.24 2.56
N THR A 10 6.89 9.78 1.35
CA THR A 10 7.90 9.47 0.34
C THR A 10 8.50 10.74 -0.23
N SER A 11 9.82 10.86 -0.15
CA SER A 11 10.53 12.00 -0.72
C SER A 11 11.58 11.49 -1.68
N VAL A 12 11.64 12.06 -2.88
CA VAL A 12 12.46 11.52 -3.95
C VAL A 12 13.24 12.63 -4.63
N SER A 13 14.56 12.58 -4.59
CA SER A 13 15.34 13.61 -5.28
C SER A 13 15.41 13.32 -6.76
N ARG A 14 15.65 14.36 -7.55
CA ARG A 14 15.66 14.23 -9.00
C ARG A 14 16.60 15.26 -9.55
N PRO A 15 17.91 15.03 -9.37
CA PRO A 15 18.89 16.02 -9.80
C PRO A 15 18.69 16.46 -11.26
N GLY A 16 18.67 17.78 -11.47
CA GLY A 16 18.50 18.32 -12.80
C GLY A 16 17.03 18.52 -13.18
N ARG A 17 16.12 18.08 -12.31
CA ARG A 17 14.69 18.17 -12.56
C ARG A 17 13.96 18.78 -11.36
N GLY A 18 14.60 19.78 -10.75
CA GLY A 18 14.02 20.52 -9.65
C GLY A 18 14.27 19.89 -8.30
N GLU A 19 13.47 20.34 -7.34
CA GLU A 19 13.63 19.92 -5.96
C GLU A 19 12.90 18.60 -5.72
N PRO A 20 13.25 17.89 -4.65
CA PRO A 20 12.61 16.60 -4.40
C PRO A 20 11.09 16.67 -4.20
N ARG A 21 10.36 15.76 -4.81
CA ARG A 21 8.92 15.65 -4.55
C ARG A 21 8.69 15.02 -3.18
N PHE A 22 7.79 15.60 -2.40
CA PHE A 22 7.35 15.00 -1.15
C PHE A 22 5.88 14.68 -1.26
N ILE A 23 5.51 13.43 -0.99
CA ILE A 23 4.10 13.06 -0.85
C ILE A 23 3.85 12.36 0.46
N SER A 24 2.77 12.78 1.12
CA SER A 24 2.28 12.13 2.32
C SER A 24 0.88 11.61 2.08
N VAL A 25 0.64 10.36 2.44
CA VAL A 25 -0.73 9.83 2.43
C VAL A 25 -1.03 9.30 3.81
N GLY A 26 -2.27 9.49 4.27
CA GLY A 26 -2.68 9.05 5.59
C GLY A 26 -3.75 8.00 5.44
N TYR A 27 -3.67 7.00 6.31
CA TYR A 27 -4.59 5.85 6.36
C TYR A 27 -5.12 5.63 7.76
N VAL A 28 -6.39 5.26 7.84
CA VAL A 28 -6.91 4.54 9.01
C VAL A 28 -7.17 3.13 8.51
N ASP A 29 -6.42 2.18 9.06
CA ASP A 29 -6.48 0.80 8.59
C ASP A 29 -6.18 0.76 7.08
N GLY A 30 -7.04 0.13 6.29
CA GLY A 30 -6.80 0.07 4.86
C GLY A 30 -7.47 1.17 4.04
N THR A 31 -7.94 2.20 4.73
CA THR A 31 -8.67 3.28 4.09
C THR A 31 -7.84 4.55 4.07
N GLN A 32 -7.49 5.02 2.87
CA GLN A 32 -6.76 6.27 2.79
C GLN A 32 -7.75 7.41 3.08
N PHE A 33 -7.30 8.44 3.78
CA PHE A 33 -8.21 9.54 4.08
C PHE A 33 -7.67 10.93 3.77
N VAL A 34 -6.35 11.06 3.62
CA VAL A 34 -5.76 12.34 3.19
C VAL A 34 -4.57 12.12 2.28
N ARG A 35 -4.23 13.16 1.52
CA ARG A 35 -2.99 13.18 0.75
C ARG A 35 -2.46 14.60 0.75
N PHE A 36 -1.15 14.70 0.56
CA PHE A 36 -0.47 15.96 0.28
C PHE A 36 0.61 15.66 -0.74
N ASP A 37 0.69 16.45 -1.81
CA ASP A 37 1.68 16.23 -2.86
C ASP A 37 2.34 17.56 -3.18
N SER A 38 3.66 17.65 -2.94
CA SER A 38 4.38 18.90 -3.22
C SER A 38 4.41 19.26 -4.72
N ASP A 39 4.12 18.29 -5.60
CA ASP A 39 4.07 18.56 -7.04
C ASP A 39 2.73 19.07 -7.53
N ALA A 40 1.71 19.05 -6.67
CA ALA A 40 0.39 19.52 -7.07
C ALA A 40 0.48 20.98 -7.46
N ALA A 41 -0.47 21.45 -8.27
CA ALA A 41 -0.45 22.85 -8.70
C ALA A 41 -0.52 23.76 -7.49
N SER A 42 -1.36 23.37 -6.52
CA SER A 42 -1.49 24.09 -5.27
CA SER A 42 -1.47 24.10 -5.27
C SER A 42 -1.49 23.08 -4.13
N PRO A 43 -0.30 22.72 -3.64
CA PRO A 43 -0.19 21.68 -2.61
C PRO A 43 -0.98 21.99 -1.36
N ARG A 44 -1.89 21.08 -1.03
CA ARG A 44 -2.75 21.21 0.13
C ARG A 44 -3.04 19.81 0.65
N THR A 45 -3.23 19.68 1.97
CA THR A 45 -3.74 18.45 2.52
C THR A 45 -5.18 18.32 2.03
N GLU A 46 -5.48 17.24 1.32
CA GLU A 46 -6.78 17.07 0.70
C GLU A 46 -7.49 15.82 1.20
N PRO A 47 -8.82 15.87 1.34
CA PRO A 47 -9.61 14.72 1.75
C PRO A 47 -9.60 13.63 0.69
N ARG A 48 -9.51 12.37 1.12
CA ARG A 48 -9.59 11.24 0.21
C ARG A 48 -10.59 10.19 0.68
N ALA A 49 -11.32 10.51 1.74
CA ALA A 49 -12.45 9.69 2.20
C ALA A 49 -13.60 10.63 2.56
N PRO A 50 -14.84 10.15 2.42
CA PRO A 50 -15.96 11.08 2.64
C PRO A 50 -16.10 11.55 4.09
N TRP A 51 -15.80 10.68 5.05
CA TRP A 51 -16.04 11.02 6.46
C TRP A 51 -15.09 12.10 7.01
N ILE A 52 -13.98 12.36 6.32
CA ILE A 52 -13.04 13.36 6.82
C ILE A 52 -13.44 14.76 6.34
N GLU A 53 -14.33 14.81 5.36
CA GLU A 53 -14.70 16.07 4.74
C GLU A 53 -15.34 17.07 5.70
N GLN A 54 -16.00 16.55 6.73
CA GLN A 54 -16.67 17.40 7.72
C GLN A 54 -15.73 18.21 8.58
N GLU A 55 -14.45 17.82 8.65
CA GLU A 55 -13.48 18.59 9.42
C GLU A 55 -13.42 20.01 8.86
N GLY A 56 -13.34 20.98 9.77
CA GLY A 56 -13.37 22.38 9.41
C GLY A 56 -12.08 22.85 8.78
N PRO A 57 -12.07 24.08 8.27
CA PRO A 57 -10.91 24.65 7.58
C PRO A 57 -9.66 24.62 8.46
N GLU A 58 -9.84 24.70 9.77
CA GLU A 58 -8.71 24.68 10.70
C GLU A 58 -7.90 23.40 10.54
N TYR A 59 -8.58 22.26 10.36
CA TYR A 59 -7.89 20.99 10.16
C TYR A 59 -7.03 21.02 8.89
N TRP A 60 -7.61 21.45 7.78
CA TRP A 60 -6.92 21.46 6.49
C TRP A 60 -5.77 22.45 6.48
N ASP A 61 -5.98 23.61 7.08
CA ASP A 61 -4.92 24.61 7.13
C ASP A 61 -3.75 24.14 8.00
N ARG A 62 -4.07 23.61 9.18
CA ARG A 62 -3.06 23.14 10.12
C ARG A 62 -2.21 22.01 9.51
N ASN A 63 -2.89 21.04 8.90
CA ASN A 63 -2.18 19.94 8.29
C ASN A 63 -1.40 20.32 7.03
N THR A 64 -1.93 21.27 6.28
CA THR A 64 -1.24 21.76 5.10
C THR A 64 0.08 22.43 5.50
N GLN A 65 0.05 23.24 6.56
N GLN A 65 0.05 23.23 6.56
CA GLN A 65 1.26 23.89 7.04
CA GLN A 65 1.26 23.90 7.02
C GLN A 65 2.30 22.88 7.50
C GLN A 65 2.30 22.90 7.53
N ILE A 66 1.84 21.85 8.21
CA ILE A 66 2.73 20.81 8.67
C ILE A 66 3.42 20.14 7.49
N SER A 67 2.64 19.83 6.46
CA SER A 67 3.17 19.18 5.28
C SER A 67 4.07 20.09 4.46
N LYS A 68 3.74 21.37 4.40
CA LYS A 68 4.62 22.28 3.69
C LYS A 68 5.96 22.41 4.39
N THR A 69 5.95 22.44 5.72
CA THR A 69 7.17 22.45 6.49
C THR A 69 7.95 21.13 6.32
N ASN A 70 7.23 20.01 6.38
CA ASN A 70 7.84 18.72 6.17
C ASN A 70 8.49 18.60 4.78
N THR A 71 7.90 19.23 3.76
CA THR A 71 8.50 19.21 2.45
C THR A 71 9.93 19.74 2.52
N GLN A 72 10.11 20.89 3.16
CA GLN A 72 11.43 21.49 3.23
CA GLN A 72 11.43 21.49 3.23
C GLN A 72 12.36 20.66 4.11
N THR A 73 11.81 20.12 5.18
CA THR A 73 12.62 19.30 6.09
C THR A 73 13.14 18.05 5.40
N TYR A 74 12.30 17.41 4.61
CA TYR A 74 12.73 16.24 3.86
C TYR A 74 13.76 16.58 2.80
N ARG A 75 13.64 17.74 2.16
CA ARG A 75 14.66 18.17 1.20
C ARG A 75 16.01 18.41 1.87
N GLU A 76 15.98 19.10 3.01
CA GLU A 76 17.18 19.27 3.83
C GLU A 76 17.76 17.90 4.23
N SER A 77 16.88 16.99 4.60
CA SER A 77 17.34 15.66 5.01
C SER A 77 17.93 14.86 3.86
N LEU A 78 17.39 15.00 2.66
CA LEU A 78 17.95 14.28 1.52
C LEU A 78 19.37 14.78 1.22
N ARG A 79 19.58 16.09 1.37
N ARG A 79 19.59 16.08 1.38
CA ARG A 79 20.92 16.65 1.22
CA ARG A 79 20.94 16.62 1.19
C ARG A 79 21.88 16.08 2.25
C ARG A 79 21.89 16.07 2.26
N ASN A 80 21.42 16.02 3.50
CA ASN A 80 22.22 15.49 4.59
C ASN A 80 22.60 14.02 4.38
N LEU A 81 21.63 13.19 4.01
CA LEU A 81 21.92 11.78 3.79
C LEU A 81 22.83 11.54 2.59
N ARG A 82 22.73 12.38 1.56
CA ARG A 82 23.66 12.28 0.44
C ARG A 82 25.08 12.42 0.98
N GLY A 83 25.30 13.40 1.85
CA GLY A 83 26.62 13.59 2.44
C GLY A 83 27.03 12.45 3.37
N TYR A 84 26.08 11.92 4.16
CA TYR A 84 26.39 10.84 5.10
C TYR A 84 26.90 9.61 4.36
N TYR A 85 26.48 9.44 3.11
CA TYR A 85 26.89 8.29 2.33
C TYR A 85 27.92 8.63 1.24
N ASN A 86 28.44 9.86 1.28
CA ASN A 86 29.46 10.33 0.33
C ASN A 86 28.99 10.15 -1.11
N GLN A 87 27.70 10.42 -1.34
CA GLN A 87 27.13 10.19 -2.64
C GLN A 87 27.19 11.42 -3.54
N SER A 88 27.24 11.14 -4.84
CA SER A 88 27.32 12.19 -5.84
C SER A 88 26.03 12.98 -5.90
N GLU A 89 26.12 14.21 -6.42
N GLU A 89 26.11 14.20 -6.42
CA GLU A 89 24.93 15.03 -6.59
CA GLU A 89 24.92 15.03 -6.58
C GLU A 89 24.10 14.57 -7.79
C GLU A 89 24.11 14.56 -7.78
N ALA A 90 24.67 13.68 -8.60
CA ALA A 90 24.04 13.25 -9.84
C ALA A 90 22.88 12.26 -9.68
N GLY A 91 22.92 11.48 -8.62
CA GLY A 91 21.98 10.39 -8.46
C GLY A 91 20.72 10.73 -7.71
N SER A 92 19.66 10.01 -8.04
CA SER A 92 18.37 10.16 -7.38
CA SER A 92 18.36 10.16 -7.39
CA SER A 92 18.36 10.16 -7.38
C SER A 92 18.30 9.25 -6.16
N HIS A 93 17.72 9.76 -5.08
CA HIS A 93 17.58 8.98 -3.85
C HIS A 93 16.21 9.15 -3.24
N THR A 94 15.84 8.18 -2.41
CA THR A 94 14.52 8.12 -1.81
C THR A 94 14.62 8.03 -0.31
N LEU A 95 13.84 8.88 0.37
CA LEU A 95 13.70 8.84 1.81
C LEU A 95 12.25 8.57 2.14
N GLN A 96 11.98 7.47 2.84
CA GLN A 96 10.62 7.11 3.23
C GLN A 96 10.49 7.09 4.74
N ARG A 97 9.32 7.47 5.22
CA ARG A 97 9.01 7.37 6.65
C ARG A 97 7.59 6.88 6.81
N MET A 98 7.40 5.95 7.74
CA MET A 98 6.06 5.57 8.17
C MET A 98 5.95 5.77 9.66
N TYR A 99 4.89 6.46 10.08
CA TYR A 99 4.67 6.66 11.50
C TYR A 99 3.19 6.62 11.84
N GLY A 100 2.89 6.33 13.10
CA GLY A 100 1.52 6.33 13.57
C GLY A 100 1.30 5.41 14.75
N CYS A 101 0.03 5.18 15.07
CA CYS A 101 -0.36 4.49 16.29
C CYS A 101 -1.36 3.38 16.06
N ASP A 102 -1.30 2.37 16.91
CA ASP A 102 -2.25 1.28 16.88
C ASP A 102 -3.00 1.31 18.19
N VAL A 103 -4.32 1.10 18.11
CA VAL A 103 -5.13 0.96 19.32
C VAL A 103 -5.91 -0.34 19.29
N GLY A 104 -6.31 -0.80 20.47
CA GLY A 104 -7.14 -2.00 20.56
C GLY A 104 -8.62 -1.70 20.44
N PRO A 105 -9.46 -2.73 20.62
CA PRO A 105 -10.92 -2.60 20.59
C PRO A 105 -11.42 -1.59 21.60
N ASP A 106 -10.71 -1.46 22.72
CA ASP A 106 -11.07 -0.47 23.73
C ASP A 106 -10.50 0.92 23.40
N GLY A 107 -9.80 1.01 22.28
CA GLY A 107 -9.28 2.29 21.82
C GLY A 107 -8.02 2.73 22.54
N ARG A 108 -7.49 1.86 23.39
CA ARG A 108 -6.26 2.17 24.12
C ARG A 108 -5.03 1.91 23.25
N LEU A 109 -3.99 2.72 23.44
CA LEU A 109 -2.75 2.53 22.69
C LEU A 109 -2.14 1.14 22.85
N LEU A 110 -1.97 0.44 21.74
CA LEU A 110 -1.26 -0.83 21.72
C LEU A 110 0.24 -0.55 21.52
N ARG A 111 0.57 0.24 20.49
CA ARG A 111 1.94 0.67 20.25
C ARG A 111 2.06 1.77 19.21
N GLY A 112 3.23 2.40 19.16
CA GLY A 112 3.49 3.45 18.20
C GLY A 112 4.60 3.03 17.26
N HIS A 113 4.72 3.78 16.17
CA HIS A 113 5.69 3.47 15.12
C HIS A 113 6.26 4.76 14.59
N ASP A 114 7.56 4.72 14.25
CA ASP A 114 8.23 5.75 13.49
C ASP A 114 9.49 5.15 12.86
N GLN A 115 9.37 4.70 11.61
CA GLN A 115 10.44 3.99 10.91
C GLN A 115 10.78 4.72 9.63
N SER A 116 12.07 4.73 9.30
CA SER A 116 12.55 5.39 8.08
C SER A 116 13.44 4.47 7.25
N ALA A 117 13.42 4.68 5.94
CA ALA A 117 14.25 3.93 5.02
C ALA A 117 14.87 4.88 4.01
N TYR A 118 16.10 4.58 3.60
CA TYR A 118 16.81 5.34 2.59
C TYR A 118 17.13 4.40 1.44
N ASP A 119 16.75 4.82 0.22
CA ASP A 119 16.93 3.97 -0.95
C ASP A 119 16.41 2.54 -0.73
N GLY A 120 15.28 2.44 -0.04
CA GLY A 120 14.60 1.18 0.11
C GLY A 120 15.14 0.26 1.19
N LYS A 121 16.12 0.73 1.96
CA LYS A 121 16.75 -0.05 3.03
C LYS A 121 16.47 0.61 4.38
N ASP A 122 16.24 -0.20 5.42
CA ASP A 122 16.05 0.35 6.76
C ASP A 122 17.15 1.34 7.07
N TYR A 123 16.78 2.49 7.61
CA TYR A 123 17.73 3.53 7.98
C TYR A 123 17.73 3.78 9.51
N ILE A 124 16.61 4.22 10.07
CA ILE A 124 16.49 4.40 11.52
C ILE A 124 15.05 4.17 11.93
N ALA A 125 14.85 3.63 13.13
CA ALA A 125 13.52 3.35 13.64
C ALA A 125 13.44 3.66 15.12
N LEU A 126 12.31 4.20 15.52
CA LEU A 126 12.02 4.39 16.94
C LEU A 126 11.67 3.01 17.47
N ASN A 127 12.31 2.63 18.57
CA ASN A 127 12.03 1.35 19.19
C ASN A 127 10.64 1.39 19.80
N GLU A 128 10.07 0.22 20.06
CA GLU A 128 8.73 0.10 20.65
C GLU A 128 8.61 0.83 22.01
N ASP A 129 9.74 1.01 22.69
CA ASP A 129 9.74 1.77 23.95
C ASP A 129 9.43 3.26 23.76
N LEU A 130 9.43 3.72 22.49
CA LEU A 130 9.21 5.13 22.16
C LEU A 130 10.21 6.04 22.87
N SER A 131 11.38 5.51 23.20
CA SER A 131 12.40 6.24 23.95
CA SER A 131 12.40 6.25 23.95
C SER A 131 13.83 6.09 23.41
N SER A 132 14.02 5.10 22.53
CA SER A 132 15.36 4.85 21.99
C SER A 132 15.24 4.52 20.50
N TRP A 133 16.38 4.55 19.79
CA TRP A 133 16.44 4.35 18.35
C TRP A 133 17.28 3.14 17.97
N THR A 134 16.96 2.55 16.84
CA THR A 134 17.81 1.57 16.19
C THR A 134 18.28 2.15 14.87
N ALA A 135 19.58 2.40 14.77
CA ALA A 135 20.22 2.94 13.58
C ALA A 135 20.86 1.79 12.81
N ALA A 136 20.66 1.75 11.50
CA ALA A 136 21.08 0.59 10.71
C ALA A 136 22.57 0.61 10.43
N ASP A 137 23.17 1.80 10.44
CA ASP A 137 24.56 1.94 10.03
C ASP A 137 25.16 3.22 10.60
N THR A 138 26.43 3.49 10.30
CA THR A 138 27.09 4.67 10.85
C THR A 138 26.52 6.00 10.34
N ALA A 139 25.90 6.00 9.17
CA ALA A 139 25.22 7.20 8.68
C ALA A 139 24.03 7.50 9.57
N ALA A 140 23.19 6.48 9.73
CA ALA A 140 22.03 6.60 10.59
C ALA A 140 22.41 6.94 12.03
N GLN A 141 23.62 6.55 12.45
CA GLN A 141 24.08 6.92 13.80
C GLN A 141 24.23 8.44 13.93
N ILE A 142 24.59 9.10 12.83
CA ILE A 142 24.63 10.55 12.82
C ILE A 142 23.25 11.16 13.08
N THR A 143 22.25 10.64 12.38
N THR A 143 22.22 10.67 12.39
CA THR A 143 20.87 11.04 12.63
CA THR A 143 20.87 11.18 12.70
C THR A 143 20.46 10.79 14.08
C THR A 143 20.42 10.80 14.12
N GLN A 144 20.78 9.61 14.58
CA GLN A 144 20.46 9.20 15.96
C GLN A 144 21.05 10.18 16.97
N ARG A 145 22.32 10.54 16.78
CA ARG A 145 22.97 11.51 17.65
C ARG A 145 22.26 12.86 17.61
N LYS A 146 21.89 13.32 16.42
CA LYS A 146 21.17 14.59 16.29
CA LYS A 146 21.17 14.59 16.29
C LYS A 146 19.85 14.52 17.02
N TRP A 147 19.16 13.39 16.87
CA TRP A 147 17.84 13.21 17.45
C TRP A 147 17.91 13.02 18.97
N GLU A 148 18.94 12.34 19.43
CA GLU A 148 19.18 12.17 20.87
C GLU A 148 19.48 13.51 21.51
N ALA A 149 20.40 14.26 20.89
CA ALA A 149 20.74 15.59 21.38
C ALA A 149 19.53 16.52 21.45
N ALA A 150 18.57 16.33 20.54
CA ALA A 150 17.44 17.24 20.42
C ALA A 150 16.09 16.71 20.94
N ARG A 151 16.12 15.63 21.72
CA ARG A 151 14.91 15.07 22.36
C ARG A 151 13.83 14.63 21.38
N VAL A 152 14.20 14.05 20.26
CA VAL A 152 13.20 13.74 19.24
C VAL A 152 12.29 12.57 19.68
N ALA A 153 12.87 11.58 20.35
CA ALA A 153 12.07 10.44 20.80
C ALA A 153 10.96 10.91 21.74
N GLU A 154 11.29 11.85 22.62
CA GLU A 154 10.29 12.42 23.51
C GLU A 154 9.14 13.09 22.75
N GLN A 155 9.47 13.77 21.65
CA GLN A 155 8.46 14.44 20.82
C GLN A 155 7.56 13.40 20.17
N LEU A 156 8.18 12.32 19.69
CA LEU A 156 7.42 11.25 19.06
C LEU A 156 6.52 10.58 20.08
N ARG A 157 7.05 10.31 21.26
CA ARG A 157 6.23 9.65 22.26
C ARG A 157 5.01 10.50 22.61
N ALA A 158 5.23 11.80 22.80
CA ALA A 158 4.12 12.68 23.13
C ALA A 158 3.08 12.71 22.01
N TYR A 159 3.54 12.78 20.76
CA TYR A 159 2.64 12.76 19.61
C TYR A 159 1.85 11.45 19.55
N LEU A 160 2.56 10.33 19.65
CA LEU A 160 1.96 9.03 19.45
C LEU A 160 0.96 8.70 20.55
N GLU A 161 1.27 9.07 21.79
CA GLU A 161 0.39 8.76 22.93
C GLU A 161 -0.76 9.76 23.05
N GLY A 162 -0.60 10.92 22.42
CA GLY A 162 -1.57 11.99 22.54
C GLY A 162 -2.31 12.23 21.24
N THR A 163 -1.80 13.19 20.47
CA THR A 163 -2.41 13.59 19.20
C THR A 163 -2.81 12.42 18.30
N CYS A 164 -1.90 11.46 18.12
CA CYS A 164 -2.17 10.35 17.21
C CYS A 164 -3.38 9.54 17.63
N VAL A 165 -3.40 9.07 18.87
CA VAL A 165 -4.53 8.24 19.30
C VAL A 165 -5.82 9.05 19.44
N GLU A 166 -5.71 10.31 19.85
CA GLU A 166 -6.91 11.14 19.92
C GLU A 166 -7.55 11.32 18.55
N TRP A 167 -6.74 11.60 17.54
CA TRP A 167 -7.27 11.74 16.20
C TRP A 167 -7.77 10.43 15.61
N LEU A 168 -7.06 9.35 15.89
CA LEU A 168 -7.52 8.05 15.42
C LEU A 168 -8.91 7.73 15.98
N ARG A 169 -9.12 7.96 17.27
CA ARG A 169 -10.42 7.66 17.86
C ARG A 169 -11.51 8.54 17.26
N ARG A 170 -11.19 9.81 17.01
CA ARG A 170 -12.12 10.72 16.37
C ARG A 170 -12.48 10.25 14.95
N HIS A 171 -11.46 9.90 14.16
CA HIS A 171 -11.70 9.37 12.83
C HIS A 171 -12.57 8.12 12.88
N LEU A 172 -12.26 7.22 13.81
CA LEU A 172 -13.03 5.97 13.91
C LEU A 172 -14.50 6.22 14.18
N GLU A 173 -14.78 7.25 14.98
CA GLU A 173 -16.17 7.60 15.26
C GLU A 173 -16.85 8.24 14.04
N ASN A 174 -16.19 9.22 13.43
CA ASN A 174 -16.76 9.88 12.27
C ASN A 174 -17.00 8.94 11.09
N GLY A 175 -16.12 7.96 10.93
CA GLY A 175 -16.29 7.00 9.85
C GLY A 175 -16.71 5.63 10.31
N LYS A 176 -17.39 5.54 11.45
CA LYS A 176 -17.73 4.25 12.06
CA LYS A 176 -17.72 4.25 12.06
C LYS A 176 -18.46 3.30 11.14
N GLU A 177 -19.31 3.83 10.26
CA GLU A 177 -20.13 2.99 9.39
C GLU A 177 -19.31 2.18 8.40
N THR A 178 -18.09 2.64 8.13
N THR A 178 -18.08 2.61 8.15
CA THR A 178 -17.19 1.97 7.19
CA THR A 178 -17.19 1.90 7.23
C THR A 178 -15.93 1.46 7.89
C THR A 178 -15.90 1.44 7.89
N LEU A 179 -15.30 2.33 8.68
CA LEU A 179 -14.04 2.00 9.35
C LEU A 179 -14.23 0.88 10.36
N GLN A 180 -15.42 0.80 10.94
CA GLN A 180 -15.72 -0.23 11.91
C GLN A 180 -16.67 -1.29 11.37
N ARG A 181 -16.68 -1.45 10.05
CA ARG A 181 -17.45 -2.49 9.41
C ARG A 181 -16.53 -3.43 8.65
N ALA A 182 -16.57 -4.71 8.99
CA ALA A 182 -15.81 -5.72 8.27
C ALA A 182 -16.71 -6.39 7.24
N ASP A 183 -16.32 -6.31 5.98
CA ASP A 183 -17.09 -6.92 4.91
C ASP A 183 -16.47 -8.26 4.55
N PRO A 184 -17.25 -9.34 4.63
CA PRO A 184 -16.70 -10.66 4.39
C PRO A 184 -16.41 -10.90 2.91
N PRO A 185 -15.50 -11.83 2.62
CA PRO A 185 -15.24 -12.19 1.24
C PRO A 185 -16.42 -12.98 0.65
N LYS A 186 -16.70 -12.72 -0.63
CA LYS A 186 -17.56 -13.59 -1.44
C LYS A 186 -16.61 -14.62 -2.03
N THR A 187 -16.91 -15.90 -1.81
CA THR A 187 -15.95 -16.96 -2.13
C THR A 187 -16.51 -17.94 -3.16
N HIS A 188 -15.64 -18.42 -4.03
CA HIS A 188 -15.98 -19.53 -4.92
C HIS A 188 -14.73 -20.26 -5.37
N VAL A 189 -14.90 -21.48 -5.87
CA VAL A 189 -13.78 -22.27 -6.36
C VAL A 189 -13.98 -22.52 -7.85
N THR A 190 -12.97 -22.21 -8.64
CA THR A 190 -13.01 -22.51 -10.06
C THR A 190 -12.07 -23.66 -10.38
N HIS A 191 -12.28 -24.29 -11.52
CA HIS A 191 -11.55 -25.49 -11.89
C HIS A 191 -11.14 -25.39 -13.34
N HIS A 192 -9.88 -25.64 -13.65
CA HIS A 192 -9.47 -25.76 -15.04
CA HIS A 192 -9.44 -25.73 -15.05
C HIS A 192 -8.39 -26.81 -15.25
N PRO A 193 -8.70 -27.83 -16.06
CA PRO A 193 -7.71 -28.84 -16.45
C PRO A 193 -6.48 -28.19 -17.08
N ILE A 194 -5.30 -28.64 -16.67
CA ILE A 194 -4.04 -28.19 -17.25
C ILE A 194 -3.68 -29.17 -18.36
N SER A 195 -3.85 -30.45 -18.02
CA SER A 195 -3.53 -31.55 -18.91
C SER A 195 -4.47 -32.68 -18.58
N ASP A 196 -4.21 -33.86 -19.12
CA ASP A 196 -5.02 -35.03 -18.79
C ASP A 196 -4.69 -35.50 -17.37
N HIS A 197 -3.53 -35.10 -16.87
CA HIS A 197 -3.05 -35.54 -15.57
C HIS A 197 -3.43 -34.60 -14.42
N GLU A 198 -3.54 -33.31 -14.71
CA GLU A 198 -3.68 -32.30 -13.66
C GLU A 198 -4.73 -31.24 -13.96
N ALA A 199 -5.19 -30.55 -12.91
CA ALA A 199 -6.08 -29.40 -13.06
C ALA A 199 -5.76 -28.39 -11.98
N THR A 200 -6.08 -27.13 -12.23
CA THR A 200 -5.91 -26.10 -11.21
C THR A 200 -7.24 -25.88 -10.50
N LEU A 201 -7.21 -25.92 -9.17
CA LEU A 201 -8.31 -25.43 -8.36
C LEU A 201 -7.90 -24.06 -7.84
N ARG A 202 -8.74 -23.06 -8.10
CA ARG A 202 -8.45 -21.71 -7.65
C ARG A 202 -9.56 -21.27 -6.71
N CYS A 203 -9.16 -20.89 -5.51
CA CYS A 203 -10.11 -20.45 -4.50
C CYS A 203 -10.11 -18.93 -4.45
N TRP A 204 -11.28 -18.32 -4.65
CA TRP A 204 -11.39 -16.87 -4.78
C TRP A 204 -12.00 -16.21 -3.56
N ALA A 205 -11.45 -15.06 -3.18
CA ALA A 205 -12.07 -14.22 -2.17
C ALA A 205 -12.21 -12.80 -2.73
N LEU A 206 -13.46 -12.32 -2.83
CA LEU A 206 -13.74 -11.03 -3.43
C LEU A 206 -14.55 -10.14 -2.50
N GLY A 207 -14.32 -8.83 -2.59
CA GLY A 207 -15.17 -7.85 -1.93
C GLY A 207 -14.98 -7.73 -0.43
N PHE A 208 -13.82 -8.11 0.08
CA PHE A 208 -13.63 -8.10 1.52
C PHE A 208 -12.93 -6.84 2.05
N TYR A 209 -13.20 -6.50 3.30
CA TYR A 209 -12.53 -5.40 3.97
C TYR A 209 -12.54 -5.74 5.45
N PRO A 210 -11.40 -5.59 6.12
CA PRO A 210 -10.12 -5.09 5.62
C PRO A 210 -9.35 -6.15 4.86
N ALA A 211 -8.10 -5.83 4.55
CA ALA A 211 -7.32 -6.66 3.64
C ALA A 211 -6.84 -7.95 4.29
N GLU A 212 -6.69 -7.94 5.61
CA GLU A 212 -6.21 -9.13 6.31
C GLU A 212 -7.14 -10.32 6.05
N ILE A 213 -6.57 -11.42 5.57
CA ILE A 213 -7.35 -12.62 5.28
C ILE A 213 -6.43 -13.82 5.28
N THR A 214 -6.97 -14.99 5.60
CA THR A 214 -6.21 -16.22 5.47
C THR A 214 -6.91 -17.13 4.48
N LEU A 215 -6.22 -17.46 3.40
CA LEU A 215 -6.75 -18.28 2.32
C LEU A 215 -5.81 -19.44 2.14
N THR A 216 -6.26 -20.66 2.43
CA THR A 216 -5.36 -21.80 2.35
C THR A 216 -6.03 -22.99 1.67
N TRP A 217 -5.21 -23.86 1.10
CA TRP A 217 -5.69 -25.12 0.56
C TRP A 217 -5.19 -26.24 1.45
N GLN A 218 -6.07 -27.19 1.75
CA GLN A 218 -5.67 -28.40 2.45
C GLN A 218 -5.89 -29.58 1.53
N ARG A 219 -5.01 -30.57 1.59
CA ARG A 219 -5.29 -31.87 0.98
C ARG A 219 -5.36 -32.90 2.09
N ASP A 220 -6.46 -33.65 2.11
CA ASP A 220 -6.68 -34.66 3.16
C ASP A 220 -6.56 -34.06 4.57
N GLY A 221 -6.93 -32.79 4.71
CA GLY A 221 -6.93 -32.13 6.00
C GLY A 221 -5.61 -31.51 6.42
N GLU A 222 -4.62 -31.52 5.54
CA GLU A 222 -3.33 -30.93 5.88
C GLU A 222 -2.96 -29.79 4.95
N ASP A 223 -2.49 -28.69 5.54
CA ASP A 223 -2.14 -27.50 4.76
C ASP A 223 -1.14 -27.78 3.64
N GLN A 224 -1.36 -27.12 2.52
CA GLN A 224 -0.56 -27.33 1.32
C GLN A 224 0.26 -26.08 0.97
N THR A 225 0.97 -25.56 1.96
CA THR A 225 1.66 -24.27 1.85
C THR A 225 2.63 -24.18 0.66
N GLN A 226 3.54 -25.15 0.55
CA GLN A 226 4.55 -25.11 -0.50
C GLN A 226 3.94 -25.19 -1.90
N ASP A 227 2.88 -25.98 -2.02
CA ASP A 227 2.29 -26.25 -3.33
C ASP A 227 1.19 -25.26 -3.73
N THR A 228 0.83 -24.37 -2.81
CA THR A 228 -0.19 -23.35 -3.09
C THR A 228 0.42 -22.09 -3.69
N GLU A 229 -0.17 -21.60 -4.77
CA GLU A 229 0.17 -20.28 -5.28
C GLU A 229 -0.79 -19.24 -4.69
N LEU A 230 -0.24 -18.31 -3.89
CA LEU A 230 -1.01 -17.20 -3.33
C LEU A 230 -0.68 -15.91 -4.07
N VAL A 231 -1.65 -15.27 -4.69
CA VAL A 231 -1.40 -13.93 -5.21
C VAL A 231 -1.49 -12.89 -4.11
N GLU A 232 -0.82 -11.78 -4.32
CA GLU A 232 -0.87 -10.68 -3.37
C GLU A 232 -2.29 -10.15 -3.34
N THR A 233 -2.76 -9.81 -2.14
CA THR A 233 -4.05 -9.18 -1.97
C THR A 233 -4.04 -7.87 -2.71
N ARG A 234 -5.11 -7.63 -3.47
CA ARG A 234 -5.16 -6.51 -4.41
C ARG A 234 -6.43 -5.68 -4.22
N PRO A 235 -6.32 -4.37 -4.43
CA PRO A 235 -7.46 -3.48 -4.17
C PRO A 235 -8.42 -3.48 -5.35
N ALA A 236 -9.72 -3.52 -5.07
CA ALA A 236 -10.71 -3.54 -6.14
C ALA A 236 -11.01 -2.14 -6.67
N GLY A 237 -10.79 -1.13 -5.84
CA GLY A 237 -11.06 0.24 -6.22
C GLY A 237 -12.37 0.76 -5.67
N ASP A 238 -13.06 -0.09 -4.91
CA ASP A 238 -14.31 0.27 -4.24
C ASP A 238 -14.21 0.12 -2.71
N ARG A 239 -12.97 0.24 -2.22
CA ARG A 239 -12.54 0.06 -0.81
C ARG A 239 -12.19 -1.40 -0.48
N THR A 240 -12.71 -2.33 -1.25
CA THR A 240 -12.53 -3.74 -0.94
C THR A 240 -11.31 -4.33 -1.60
N PHE A 241 -11.03 -5.58 -1.24
CA PHE A 241 -9.86 -6.29 -1.69
C PHE A 241 -10.25 -7.63 -2.30
N GLN A 242 -9.28 -8.20 -3.02
CA GLN A 242 -9.43 -9.46 -3.72
C GLN A 242 -8.18 -10.30 -3.51
N LYS A 243 -8.36 -11.61 -3.50
CA LYS A 243 -7.24 -12.53 -3.43
C LYS A 243 -7.69 -13.90 -3.96
N TRP A 244 -6.74 -14.65 -4.49
CA TRP A 244 -6.98 -16.05 -4.78
C TRP A 244 -5.81 -16.94 -4.41
N ALA A 245 -6.12 -18.22 -4.22
CA ALA A 245 -5.12 -19.23 -3.91
C ALA A 245 -5.38 -20.38 -4.85
N ALA A 246 -4.31 -20.91 -5.44
CA ALA A 246 -4.43 -21.96 -6.43
C ALA A 246 -3.54 -23.14 -6.10
N VAL A 247 -4.04 -24.34 -6.33
CA VAL A 247 -3.26 -25.54 -6.15
C VAL A 247 -3.45 -26.41 -7.38
N VAL A 248 -2.40 -27.15 -7.76
CA VAL A 248 -2.50 -28.05 -8.89
C VAL A 248 -2.70 -29.47 -8.37
N VAL A 249 -3.81 -30.07 -8.78
CA VAL A 249 -4.24 -31.35 -8.23
C VAL A 249 -4.30 -32.41 -9.32
N PRO A 250 -4.09 -33.68 -8.95
CA PRO A 250 -4.20 -34.73 -9.96
C PRO A 250 -5.66 -34.92 -10.37
N SER A 251 -5.93 -35.15 -11.65
CA SER A 251 -7.30 -35.37 -12.13
C SER A 251 -8.00 -36.46 -11.34
N GLY A 252 -9.21 -36.18 -10.88
CA GLY A 252 -9.97 -37.16 -10.12
C GLY A 252 -9.78 -37.09 -8.62
N GLU A 253 -8.77 -36.33 -8.17
CA GLU A 253 -8.52 -36.18 -6.74
C GLU A 253 -9.06 -34.86 -6.18
N GLU A 254 -9.88 -34.16 -6.96
CA GLU A 254 -10.36 -32.83 -6.60
C GLU A 254 -11.01 -32.78 -5.22
N GLN A 255 -11.80 -33.79 -4.88
CA GLN A 255 -12.56 -33.72 -3.64
C GLN A 255 -11.71 -33.95 -2.39
N ARG A 256 -10.43 -34.25 -2.60
CA ARG A 256 -9.50 -34.36 -1.47
C ARG A 256 -8.98 -33.00 -1.05
N TYR A 257 -9.30 -31.97 -1.83
CA TYR A 257 -8.81 -30.61 -1.57
C TYR A 257 -9.92 -29.70 -1.05
N THR A 258 -9.61 -28.98 0.03
CA THR A 258 -10.56 -28.04 0.61
C THR A 258 -9.89 -26.68 0.76
N CYS A 259 -10.60 -25.63 0.38
CA CYS A 259 -10.11 -24.28 0.58
C CYS A 259 -10.67 -23.73 1.88
N HIS A 260 -9.80 -23.13 2.70
CA HIS A 260 -10.21 -22.59 3.99
C HIS A 260 -10.03 -21.09 4.00
N VAL A 261 -11.06 -20.39 4.49
CA VAL A 261 -11.08 -18.93 4.49
C VAL A 261 -11.37 -18.40 5.88
N GLN A 262 -10.47 -17.56 6.38
CA GLN A 262 -10.72 -16.84 7.61
C GLN A 262 -10.72 -15.34 7.33
N HIS A 263 -11.77 -14.66 7.79
CA HIS A 263 -11.84 -13.22 7.70
C HIS A 263 -12.75 -12.62 8.78
N GLU A 264 -12.39 -11.43 9.25
CA GLU A 264 -13.13 -10.72 10.29
C GLU A 264 -14.63 -10.55 10.00
N GLY A 265 -14.99 -10.35 8.73
CA GLY A 265 -16.40 -10.15 8.38
C GLY A 265 -17.24 -11.41 8.34
N LEU A 266 -16.59 -12.56 8.52
CA LEU A 266 -17.29 -13.84 8.52
C LEU A 266 -17.75 -14.19 9.94
N PRO A 267 -19.00 -14.64 10.07
CA PRO A 267 -19.47 -15.15 11.37
C PRO A 267 -18.71 -16.40 11.77
N LYS A 268 -18.27 -17.18 10.77
CA LYS A 268 -17.53 -18.42 11.00
C LYS A 268 -16.58 -18.66 9.82
N PRO A 269 -15.41 -19.25 10.07
CA PRO A 269 -14.52 -19.61 8.96
C PRO A 269 -15.23 -20.50 7.93
N LEU A 270 -14.80 -20.41 6.68
CA LEU A 270 -15.43 -21.15 5.60
C LEU A 270 -14.57 -22.32 5.17
N THR A 271 -15.22 -23.40 4.75
CA THR A 271 -14.55 -24.51 4.08
C THR A 271 -15.26 -24.76 2.75
N LEU A 272 -14.51 -24.65 1.64
CA LEU A 272 -15.08 -24.76 0.30
C LEU A 272 -14.43 -25.89 -0.48
N ARG A 273 -15.20 -26.51 -1.37
CA ARG A 273 -14.65 -27.46 -2.32
C ARG A 273 -15.10 -27.08 -3.71
N TRP A 274 -14.43 -27.64 -4.71
CA TRP A 274 -14.95 -27.53 -6.08
C TRP A 274 -16.29 -28.23 -6.17
N GLU A 275 -17.28 -27.52 -6.70
CA GLU A 275 -18.60 -28.11 -6.89
C GLU A 275 -18.87 -28.21 -8.39
N PRO A 276 -18.64 -29.41 -8.95
CA PRO A 276 -18.66 -29.64 -10.40
C PRO A 276 -20.05 -29.52 -10.98
N MET B 1 22.60 0.81 -4.92
CA MET B 1 21.18 0.78 -5.18
C MET B 1 20.72 -0.61 -5.55
N ILE B 2 20.05 -1.29 -4.63
CA ILE B 2 19.32 -2.45 -5.07
C ILE B 2 17.91 -2.00 -5.42
N GLN B 3 17.51 -2.33 -6.65
CA GLN B 3 16.21 -1.93 -7.13
C GLN B 3 15.31 -3.15 -7.15
N ARG B 4 14.00 -2.93 -7.14
CA ARG B 4 13.04 -4.04 -7.15
C ARG B 4 12.07 -3.88 -8.31
N THR B 5 11.89 -4.96 -9.07
CA THR B 5 11.05 -4.89 -10.25
C THR B 5 9.59 -5.07 -9.85
N PRO B 6 8.67 -4.39 -10.57
CA PRO B 6 7.25 -4.47 -10.22
C PRO B 6 6.59 -5.82 -10.46
N LYS B 7 5.82 -6.28 -9.47
CA LYS B 7 4.79 -7.29 -9.71
C LYS B 7 3.63 -6.59 -10.40
N ILE B 8 2.90 -7.35 -11.23
CA ILE B 8 1.80 -6.80 -12.00
C ILE B 8 0.59 -7.74 -11.98
N GLN B 9 -0.58 -7.19 -11.66
CA GLN B 9 -1.84 -7.93 -11.77
C GLN B 9 -2.84 -7.10 -12.55
N VAL B 10 -3.50 -7.73 -13.52
CA VAL B 10 -4.53 -7.07 -14.32
C VAL B 10 -5.85 -7.79 -14.16
N TYR B 11 -6.89 -7.03 -13.81
CA TYR B 11 -8.14 -7.66 -13.33
C TYR B 11 -9.24 -6.62 -13.30
N SER B 12 -10.46 -7.10 -13.11
CA SER B 12 -11.62 -6.22 -13.08
C SER B 12 -12.13 -5.98 -11.67
N ARG B 13 -12.76 -4.83 -11.46
CA ARG B 13 -13.27 -4.48 -10.16
C ARG B 13 -14.40 -5.44 -9.78
N HIS B 14 -15.28 -5.65 -10.75
CA HIS B 14 -16.44 -6.53 -10.59
C HIS B 14 -16.27 -7.74 -11.50
N PRO B 15 -16.97 -8.85 -11.19
CA PRO B 15 -16.88 -10.01 -12.07
C PRO B 15 -17.29 -9.64 -13.49
N ALA B 16 -16.53 -10.12 -14.46
CA ALA B 16 -16.72 -9.69 -15.85
C ALA B 16 -17.99 -10.25 -16.45
N GLU B 17 -18.78 -9.35 -17.04
CA GLU B 17 -19.98 -9.70 -17.79
C GLU B 17 -19.91 -8.96 -19.13
N ASN B 18 -19.78 -9.72 -20.22
CA ASN B 18 -19.68 -9.15 -21.56
C ASN B 18 -20.80 -8.15 -21.82
N GLY B 19 -20.43 -6.93 -22.21
CA GLY B 19 -21.40 -5.90 -22.52
C GLY B 19 -21.85 -5.09 -21.33
N LYS B 20 -21.30 -5.41 -20.15
CA LYS B 20 -21.63 -4.69 -18.93
C LYS B 20 -20.43 -3.84 -18.48
N SER B 21 -20.67 -2.56 -18.23
CA SER B 21 -19.59 -1.63 -17.88
C SER B 21 -18.97 -2.00 -16.52
N ASN B 22 -17.65 -1.92 -16.45
CA ASN B 22 -16.90 -2.42 -15.33
C ASN B 22 -15.69 -1.50 -15.19
N PHE B 23 -14.71 -1.90 -14.39
CA PHE B 23 -13.47 -1.16 -14.27
C PHE B 23 -12.28 -2.09 -14.43
N LEU B 24 -11.33 -1.66 -15.26
CA LEU B 24 -10.14 -2.44 -15.53
C LEU B 24 -9.04 -1.91 -14.62
N ASN B 25 -8.43 -2.81 -13.86
CA ASN B 25 -7.42 -2.46 -12.88
C ASN B 25 -6.07 -3.02 -13.28
N CYS B 26 -5.01 -2.22 -13.09
CA CYS B 26 -3.66 -2.74 -13.18
C CYS B 26 -2.99 -2.34 -11.89
N TYR B 27 -2.68 -3.34 -11.08
CA TYR B 27 -2.06 -3.11 -9.78
C TYR B 27 -0.59 -3.46 -9.89
N VAL B 28 0.26 -2.43 -9.71
CA VAL B 28 1.69 -2.63 -9.73
C VAL B 28 2.18 -2.48 -8.32
N SER B 29 3.04 -3.39 -7.88
CA SER B 29 3.47 -3.40 -6.50
C SER B 29 4.87 -3.97 -6.38
N GLY B 30 5.47 -3.86 -5.19
CA GLY B 30 6.75 -4.49 -4.92
C GLY B 30 7.94 -3.83 -5.60
N PHE B 31 7.76 -2.63 -6.12
CA PHE B 31 8.84 -1.99 -6.91
C PHE B 31 9.59 -0.90 -6.15
N HIS B 32 10.80 -0.60 -6.60
CA HIS B 32 11.62 0.43 -6.00
C HIS B 32 12.74 0.70 -7.01
N PRO B 33 12.99 1.97 -7.36
CA PRO B 33 12.37 3.19 -6.85
C PRO B 33 10.95 3.39 -7.37
N SER B 34 10.36 4.55 -7.05
CA SER B 34 8.93 4.76 -7.22
C SER B 34 8.51 5.19 -8.62
N ASP B 35 9.40 5.80 -9.40
CA ASP B 35 9.02 6.13 -10.77
C ASP B 35 8.67 4.87 -11.56
N ILE B 36 7.57 4.95 -12.29
CA ILE B 36 7.07 3.82 -13.07
C ILE B 36 6.10 4.36 -14.11
N GLU B 37 6.08 3.72 -15.27
CA GLU B 37 5.14 4.10 -16.31
C GLU B 37 4.16 2.95 -16.51
N VAL B 38 2.87 3.26 -16.41
CA VAL B 38 1.85 2.24 -16.54
C VAL B 38 0.81 2.67 -17.55
N ASP B 39 0.59 1.84 -18.56
CA ASP B 39 -0.47 2.06 -19.53
C ASP B 39 -1.49 0.93 -19.50
N LEU B 40 -2.75 1.28 -19.67
CA LEU B 40 -3.80 0.32 -19.94
C LEU B 40 -4.06 0.29 -21.44
N LEU B 41 -4.13 -0.90 -22.02
CA LEU B 41 -4.28 -1.04 -23.47
C LEU B 41 -5.61 -1.68 -23.87
N LYS B 42 -6.25 -1.13 -24.89
CA LYS B 42 -7.42 -1.75 -25.49
C LYS B 42 -7.05 -2.10 -26.92
N ASN B 43 -7.00 -3.39 -27.23
CA ASN B 43 -6.56 -3.88 -28.53
C ASN B 43 -5.23 -3.24 -28.96
N GLY B 44 -4.29 -3.18 -28.02
CA GLY B 44 -2.94 -2.71 -28.31
C GLY B 44 -2.72 -1.21 -28.25
N GLU B 45 -3.81 -0.45 -28.20
CA GLU B 45 -3.73 1.00 -28.19
C GLU B 45 -3.92 1.57 -26.78
N ARG B 46 -3.23 2.66 -26.49
CA ARG B 46 -3.23 3.22 -25.15
C ARG B 46 -4.57 3.88 -24.82
N ILE B 47 -5.13 3.53 -23.67
CA ILE B 47 -6.35 4.17 -23.20
C ILE B 47 -6.02 5.54 -22.60
N GLU B 48 -6.81 6.55 -23.00
CA GLU B 48 -6.57 7.92 -22.59
CA GLU B 48 -6.55 7.92 -22.57
C GLU B 48 -7.17 8.22 -21.21
N LYS B 49 -6.50 9.09 -20.45
CA LYS B 49 -7.00 9.57 -19.15
C LYS B 49 -7.30 8.46 -18.11
N VAL B 50 -6.40 7.48 -18.05
CA VAL B 50 -6.42 6.48 -16.99
C VAL B 50 -6.09 7.17 -15.68
N GLU B 51 -6.80 6.82 -14.60
CA GLU B 51 -6.56 7.39 -13.29
C GLU B 51 -5.67 6.48 -12.44
N HIS B 52 -5.11 7.03 -11.37
CA HIS B 52 -4.33 6.18 -10.47
C HIS B 52 -4.41 6.63 -9.02
N SER B 53 -4.06 5.70 -8.13
CA SER B 53 -4.04 5.95 -6.70
C SER B 53 -2.84 6.82 -6.33
N ASP B 54 -2.88 7.39 -5.12
CA ASP B 54 -1.74 8.15 -4.60
C ASP B 54 -0.63 7.23 -4.15
N LEU B 55 0.61 7.57 -4.48
CA LEU B 55 1.76 6.76 -4.14
C LEU B 55 1.83 6.41 -2.66
N SER B 56 1.92 5.12 -2.36
CA SER B 56 2.18 4.67 -1.00
C SER B 56 3.07 3.44 -1.07
N PHE B 57 3.36 2.87 0.08
CA PHE B 57 4.27 1.75 0.13
C PHE B 57 3.89 0.76 1.21
N SER B 58 4.44 -0.44 1.08
CA SER B 58 4.15 -1.57 1.93
C SER B 58 5.14 -1.64 3.08
N LYS B 59 4.96 -2.59 4.00
CA LYS B 59 5.85 -2.67 5.16
C LYS B 59 7.30 -2.89 4.77
N ASP B 60 7.53 -3.54 3.64
CA ASP B 60 8.90 -3.78 3.19
C ASP B 60 9.52 -2.61 2.40
N TRP B 61 8.81 -1.48 2.41
CA TRP B 61 9.22 -0.22 1.75
C TRP B 61 8.96 -0.16 0.26
N SER B 62 8.51 -1.26 -0.33
CA SER B 62 8.23 -1.26 -1.77
C SER B 62 6.93 -0.53 -2.10
N PHE B 63 6.89 0.06 -3.28
CA PHE B 63 5.78 0.93 -3.64
C PHE B 63 4.63 0.18 -4.29
N TYR B 64 3.44 0.73 -4.21
CA TYR B 64 2.31 0.19 -4.97
C TYR B 64 1.43 1.30 -5.51
N LEU B 65 0.86 1.04 -6.70
CA LEU B 65 -0.08 1.94 -7.33
C LEU B 65 -1.16 1.13 -8.03
N LEU B 66 -2.38 1.66 -7.99
CA LEU B 66 -3.47 1.09 -8.76
C LEU B 66 -3.83 2.04 -9.90
N TYR B 67 -3.77 1.52 -11.13
CA TYR B 67 -4.18 2.27 -12.31
C TYR B 67 -5.51 1.67 -12.74
N TYR B 68 -6.47 2.51 -13.11
CA TYR B 68 -7.82 2.03 -13.39
C TYR B 68 -8.58 2.91 -14.37
N THR B 69 -9.55 2.32 -15.06
CA THR B 69 -10.34 3.04 -16.05
C THR B 69 -11.62 2.27 -16.31
N GLU B 70 -12.67 2.96 -16.74
CA GLU B 70 -13.89 2.30 -17.19
C GLU B 70 -13.60 1.41 -18.39
N PHE B 71 -14.21 0.23 -18.41
CA PHE B 71 -14.22 -0.57 -19.63
C PHE B 71 -15.46 -1.42 -19.67
N THR B 72 -15.90 -1.74 -20.89
CA THR B 72 -17.00 -2.67 -21.07
C THR B 72 -16.44 -3.86 -21.83
N PRO B 73 -16.19 -4.97 -21.11
CA PRO B 73 -15.57 -6.14 -21.74
C PRO B 73 -16.49 -6.75 -22.81
N THR B 74 -15.88 -7.38 -23.80
CA THR B 74 -16.60 -8.12 -24.83
C THR B 74 -15.81 -9.40 -25.08
N GLU B 75 -16.31 -10.29 -25.92
CA GLU B 75 -15.57 -11.50 -26.24
C GLU B 75 -14.37 -11.17 -27.12
N LYS B 76 -14.54 -10.19 -28.00
CA LYS B 76 -13.53 -9.87 -29.00
C LYS B 76 -12.42 -8.94 -28.49
N ASP B 77 -12.76 -8.01 -27.60
CA ASP B 77 -11.79 -7.01 -27.16
C ASP B 77 -10.68 -7.59 -26.27
N GLU B 78 -9.45 -7.18 -26.58
CA GLU B 78 -8.29 -7.56 -25.79
C GLU B 78 -7.87 -6.40 -24.89
N TYR B 79 -7.68 -6.68 -23.61
CA TYR B 79 -7.13 -5.66 -22.71
C TYR B 79 -5.81 -6.11 -22.09
N ALA B 80 -4.97 -5.15 -21.76
CA ALA B 80 -3.66 -5.45 -21.23
C ALA B 80 -3.13 -4.28 -20.42
N CYS B 81 -2.08 -4.54 -19.65
CA CYS B 81 -1.36 -3.49 -18.95
C CYS B 81 0.10 -3.50 -19.40
N ARG B 82 0.62 -2.34 -19.78
CA ARG B 82 2.02 -2.21 -20.17
C ARG B 82 2.78 -1.40 -19.12
N VAL B 83 3.82 -1.99 -18.56
CA VAL B 83 4.54 -1.38 -17.46
C VAL B 83 5.99 -1.18 -17.83
N ASN B 84 6.50 0.04 -17.62
CA ASN B 84 7.94 0.22 -17.68
C ASN B 84 8.52 0.71 -16.36
N HIS B 85 9.74 0.27 -16.07
CA HIS B 85 10.42 0.61 -14.83
C HIS B 85 11.92 0.53 -15.14
N VAL B 86 12.74 1.17 -14.32
CA VAL B 86 14.19 1.14 -14.56
C VAL B 86 14.77 -0.29 -14.50
N THR B 87 14.10 -1.19 -13.79
CA THR B 87 14.53 -2.57 -13.68
C THR B 87 14.24 -3.40 -14.94
N LEU B 88 13.47 -2.82 -15.86
CA LEU B 88 13.07 -3.53 -17.07
C LEU B 88 13.76 -2.96 -18.31
N SER B 89 14.39 -3.84 -19.08
CA SER B 89 15.05 -3.45 -20.32
C SER B 89 14.02 -3.03 -21.37
N GLN B 90 12.89 -3.73 -21.38
CA GLN B 90 11.77 -3.36 -22.25
C GLN B 90 10.46 -3.39 -21.47
N PRO B 91 9.42 -2.71 -21.99
CA PRO B 91 8.13 -2.70 -21.28
C PRO B 91 7.54 -4.10 -21.17
N LYS B 92 6.95 -4.39 -20.00
CA LYS B 92 6.35 -5.69 -19.77
C LYS B 92 4.85 -5.57 -19.98
N ILE B 93 4.29 -6.44 -20.82
CA ILE B 93 2.86 -6.45 -21.07
C ILE B 93 2.22 -7.65 -20.39
N VAL B 94 1.16 -7.39 -19.63
CA VAL B 94 0.41 -8.45 -18.97
C VAL B 94 -1.03 -8.36 -19.47
N LYS B 95 -1.50 -9.43 -20.10
CA LYS B 95 -2.83 -9.40 -20.69
C LYS B 95 -3.89 -9.63 -19.62
N TRP B 96 -5.06 -9.04 -19.83
CA TRP B 96 -6.18 -9.31 -18.94
C TRP B 96 -6.78 -10.67 -19.26
N ASP B 97 -6.92 -11.48 -18.22
CA ASP B 97 -7.53 -12.80 -18.33
C ASP B 97 -8.59 -12.86 -17.24
N ARG B 98 -9.86 -12.87 -17.64
CA ARG B 98 -10.95 -12.79 -16.67
C ARG B 98 -11.00 -13.96 -15.67
N ASP B 99 -10.03 -14.86 -15.75
CA ASP B 99 -9.92 -15.97 -14.79
C ASP B 99 -8.73 -15.81 -13.85
N MET B 100 -8.14 -14.61 -13.81
CA MET B 100 -7.00 -14.36 -12.93
C MET B 100 -7.12 -13.03 -12.16
N ASP C 1 -4.16 14.84 13.21
CA ASP C 1 -3.10 15.63 12.56
C ASP C 1 -1.87 14.81 12.32
N GLU C 2 -1.09 15.23 11.32
CA GLU C 2 0.26 14.74 11.12
C GLU C 2 1.20 15.33 12.15
N LEU C 3 2.45 14.87 12.10
CA LEU C 3 3.50 15.40 12.94
C LEU C 3 4.50 16.20 12.09
N GLU C 4 4.93 17.35 12.62
CA GLU C 4 6.02 18.12 12.02
C GLU C 4 7.36 17.49 12.42
N ILE C 5 8.04 16.88 11.45
CA ILE C 5 9.23 16.08 11.75
C ILE C 5 10.51 16.90 11.82
N LYS C 6 11.56 16.31 12.37
CA LYS C 6 12.86 16.98 12.45
C LYS C 6 13.81 16.45 11.37
N ALA C 7 14.69 17.31 10.92
CA ALA C 7 15.70 16.93 9.93
C ALA C 7 16.56 15.72 10.36
N TYR C 8 16.90 14.89 9.38
CA TYR C 8 17.77 13.73 9.60
C TYR C 8 19.23 14.16 9.62
C ACT D . 0.59 -13.75 0.52
O ACT D . -0.52 -13.38 0.94
OXT ACT D . 0.86 -13.54 -0.69
CH3 ACT D . 1.56 -14.41 1.44
#